data_2X45
#
_entry.id   2X45
#
_cell.length_a   107.147
_cell.length_b   61.817
_cell.length_c   63.871
_cell.angle_alpha   90.00
_cell.angle_beta   105.14
_cell.angle_gamma   90.00
#
_symmetry.space_group_name_H-M   'C 1 2 1'
#
loop_
_entity.id
_entity.type
_entity.pdbx_description
1 polymer 'ALLERGEN ARG R 1'
2 non-polymer HISTAMINE
3 water water
#
_entity_poly.entity_id   1
_entity_poly.type   'polypeptide(L)'
_entity_poly.pdbx_seq_one_letter_code
;MDDCSGKTDAWTSIKGPKTGGYWLKQTTKTGENECTYVKGTDFKENTKTATYTYGYKDASGKLTKTTGTATAKGSDIVVG
SDTSTVIYTDGKTCDVVKHGGHTELWVHSSKTSGGYNNCCDKKFTETRGSTPANEVYKKCPGMP
;
_entity_poly.pdbx_strand_id   A,B,C
#
loop_
_chem_comp.id
_chem_comp.type
_chem_comp.name
_chem_comp.formula
HSM non-polymer HISTAMINE 'C5 H9 N3'
#
# COMPACT_ATOMS: atom_id res chain seq x y z
N MET A 1 -10.28 1.40 21.67
CA MET A 1 -8.95 1.00 21.18
C MET A 1 -8.02 2.14 21.39
N ASP A 2 -7.03 1.88 22.27
CA ASP A 2 -6.24 2.95 22.83
C ASP A 2 -5.57 3.74 21.74
N ASP A 3 -4.99 3.07 20.75
CA ASP A 3 -4.21 3.76 19.75
C ASP A 3 -5.06 4.52 18.74
N CYS A 4 -6.38 4.32 18.80
CA CYS A 4 -7.30 5.13 18.02
C CYS A 4 -7.69 6.43 18.70
N SER A 5 -7.27 6.63 19.94
CA SER A 5 -7.57 7.83 20.71
CA SER A 5 -7.58 7.86 20.67
C SER A 5 -6.35 8.73 20.78
N GLY A 6 -6.59 10.04 20.79
CA GLY A 6 -5.52 11.03 20.98
C GLY A 6 -4.58 11.23 19.81
N LYS A 7 -5.05 10.89 18.60
CA LYS A 7 -4.23 11.05 17.40
CA LYS A 7 -4.23 11.01 17.40
C LYS A 7 -4.80 12.19 16.59
N THR A 8 -4.63 13.39 17.16
CA THR A 8 -5.33 14.56 16.68
C THR A 8 -4.39 15.65 16.14
N ASP A 9 -3.17 15.31 15.76
CA ASP A 9 -2.19 16.33 15.35
C ASP A 9 -2.36 16.70 13.89
N ALA A 10 -2.84 17.93 13.65
CA ALA A 10 -3.01 18.38 12.27
C ALA A 10 -1.75 18.36 11.43
N TRP A 11 -0.59 18.70 12.01
CA TRP A 11 0.63 18.72 11.23
C TRP A 11 0.93 17.33 10.68
N THR A 12 0.84 16.32 11.55
CA THR A 12 1.01 14.94 11.11
C THR A 12 0.04 14.57 10.00
N SER A 13 -1.21 15.04 10.12
CA SER A 13 -2.24 14.76 9.13
C SER A 13 -1.90 15.41 7.77
N ILE A 14 -1.55 16.70 7.83
CA ILE A 14 -1.20 17.45 6.61
C ILE A 14 -0.08 16.76 5.84
N LYS A 15 0.98 16.40 6.56
CA LYS A 15 2.14 15.77 5.94
C LYS A 15 1.82 14.40 5.35
N GLY A 16 1.08 13.57 6.09
CA GLY A 16 0.98 12.16 5.72
C GLY A 16 2.38 11.57 5.54
N PRO A 17 2.52 10.69 4.55
CA PRO A 17 3.84 10.12 4.25
C PRO A 17 4.71 11.00 3.37
N LYS A 18 4.21 12.23 3.08
CA LYS A 18 4.94 13.30 2.35
C LYS A 18 5.12 12.99 0.87
N THR A 19 4.34 12.01 0.39
CA THR A 19 4.28 11.66 -1.03
C THR A 19 2.81 11.30 -1.33
N GLY A 20 2.43 11.28 -2.59
CA GLY A 20 1.07 11.02 -2.96
C GLY A 20 0.16 12.12 -2.44
N GLY A 21 -1.10 11.76 -2.21
CA GLY A 21 -2.07 12.69 -1.69
C GLY A 21 -3.21 11.93 -1.04
N TYR A 22 -4.31 12.64 -0.73
CA TYR A 22 -5.44 12.03 -0.06
C TYR A 22 -6.74 12.27 -0.82
N TRP A 23 -7.58 11.25 -0.86
CA TRP A 23 -8.89 11.29 -1.47
C TRP A 23 -9.93 11.29 -0.36
N LEU A 24 -10.96 12.11 -0.57
CA LEU A 24 -12.12 12.06 0.33
C LEU A 24 -12.89 10.79 -0.05
N LYS A 25 -12.92 9.84 0.87
CA LYS A 25 -13.57 8.55 0.61
CA LYS A 25 -13.59 8.58 0.58
C LYS A 25 -15.07 8.60 0.96
N GLN A 26 -15.38 9.09 2.17
CA GLN A 26 -16.77 9.16 2.64
C GLN A 26 -16.97 10.46 3.41
N THR A 27 -18.20 10.96 3.36
CA THR A 27 -18.57 12.20 4.03
C THR A 27 -20.02 12.17 4.42
N THR A 28 -20.36 12.86 5.47
CA THR A 28 -21.75 13.01 5.85
C THR A 28 -22.43 14.05 4.95
N LYS A 29 -21.69 14.85 4.17
CA LYS A 29 -22.28 15.86 3.25
C LYS A 29 -22.92 15.15 2.08
N THR A 30 -24.10 15.62 1.67
CA THR A 30 -24.68 15.17 0.43
C THR A 30 -24.27 16.11 -0.70
N GLY A 31 -24.24 15.57 -1.91
CA GLY A 31 -23.88 16.36 -3.09
C GLY A 31 -22.44 16.79 -3.13
N GLU A 32 -21.58 16.07 -2.41
CA GLU A 32 -20.14 16.41 -2.45
C GLU A 32 -19.60 16.09 -3.84
N ASN A 33 -18.61 16.86 -4.23
CA ASN A 33 -17.98 16.68 -5.52
C ASN A 33 -17.21 15.33 -5.58
N GLU A 34 -17.50 14.49 -6.56
CA GLU A 34 -16.79 13.22 -6.73
C GLU A 34 -15.28 13.46 -6.93
N CYS A 35 -14.50 12.53 -6.37
CA CYS A 35 -13.04 12.54 -6.53
C CYS A 35 -12.40 13.81 -5.96
N THR A 36 -12.99 14.32 -4.90
CA THR A 36 -12.36 15.36 -4.09
C THR A 36 -11.04 14.82 -3.54
N TYR A 37 -10.01 15.66 -3.66
CA TYR A 37 -8.66 15.30 -3.25
C TYR A 37 -7.93 16.50 -2.70
N VAL A 38 -6.88 16.22 -1.95
CA VAL A 38 -5.86 17.18 -1.53
C VAL A 38 -4.49 16.57 -1.70
N LYS A 39 -3.47 17.39 -1.90
CA LYS A 39 -2.10 16.89 -2.02
CA LYS A 39 -2.12 16.90 -2.08
C LYS A 39 -1.16 17.92 -1.46
N GLY A 40 -0.45 17.55 -0.41
CA GLY A 40 0.54 18.44 0.17
C GLY A 40 1.89 18.27 -0.48
N THR A 41 2.61 19.39 -0.59
CA THR A 41 3.99 19.40 -1.07
C THR A 41 4.77 20.45 -0.27
N ASP A 42 6.09 20.35 -0.31
CA ASP A 42 6.99 21.35 0.23
C ASP A 42 6.66 21.63 1.70
N PHE A 43 6.78 20.57 2.48
CA PHE A 43 6.43 20.62 3.89
C PHE A 43 7.49 21.41 4.68
N LYS A 44 7.06 22.41 5.43
CA LYS A 44 7.97 23.25 6.19
C LYS A 44 7.78 23.00 7.69
N GLU A 45 8.72 22.30 8.29
CA GLU A 45 8.63 22.05 9.73
C GLU A 45 8.70 23.31 10.58
N ASN A 46 9.45 24.32 10.15
CA ASN A 46 9.61 25.56 10.89
CA ASN A 46 9.60 25.50 10.98
C ASN A 46 8.27 26.23 11.18
N THR A 47 7.40 26.22 10.17
CA THR A 47 6.12 26.92 10.27
C THR A 47 4.90 25.99 10.37
N LYS A 48 5.12 24.68 10.26
CA LYS A 48 4.06 23.69 10.15
C LYS A 48 3.04 24.11 9.10
N THR A 49 3.59 24.37 7.92
CA THR A 49 2.82 24.71 6.73
C THR A 49 3.23 23.87 5.54
N ALA A 50 2.33 23.72 4.58
CA ALA A 50 2.61 23.00 3.36
C ALA A 50 1.90 23.68 2.23
N THR A 51 2.47 23.56 1.03
CA THR A 51 1.72 23.91 -0.17
C THR A 51 0.61 22.83 -0.32
N TYR A 52 -0.60 23.25 -0.67
CA TYR A 52 -1.75 22.33 -0.74
C TYR A 52 -2.46 22.54 -2.07
N THR A 53 -2.54 21.45 -2.88
CA THR A 53 -3.23 21.49 -4.14
C THR A 53 -4.47 20.62 -3.96
N TYR A 54 -5.62 21.10 -4.44
CA TYR A 54 -6.89 20.42 -4.14
C TYR A 54 -7.89 20.65 -5.26
N GLY A 55 -8.87 19.76 -5.32
CA GLY A 55 -9.86 19.82 -6.35
C GLY A 55 -10.73 18.59 -6.36
N TYR A 56 -11.34 18.35 -7.51
CA TYR A 56 -12.33 17.31 -7.63
C TYR A 56 -12.57 17.09 -9.13
N LYS A 57 -13.39 16.11 -9.46
CA LYS A 57 -13.61 15.79 -10.86
C LYS A 57 -14.72 16.67 -11.41
N ASP A 58 -14.42 17.36 -12.51
CA ASP A 58 -15.38 18.27 -13.21
C ASP A 58 -16.28 17.45 -14.16
N ALA A 59 -17.24 18.13 -14.83
CA ALA A 59 -18.28 17.41 -15.58
C ALA A 59 -17.77 16.49 -16.70
N SER A 60 -16.67 16.89 -17.30
CA SER A 60 -16.01 16.07 -18.30
C SER A 60 -15.12 14.95 -17.80
N GLY A 61 -14.86 14.88 -16.48
CA GLY A 61 -14.10 13.78 -15.93
C GLY A 61 -12.64 14.12 -15.63
N LYS A 62 -12.24 15.40 -15.72
CA LYS A 62 -10.86 15.81 -15.37
C LYS A 62 -10.84 16.48 -13.99
N LEU A 63 -9.74 16.26 -13.29
CA LEU A 63 -9.58 16.90 -11.99
C LEU A 63 -9.31 18.37 -12.10
N THR A 64 -10.04 19.13 -11.30
CA THR A 64 -9.71 20.56 -11.11
C THR A 64 -8.48 20.67 -10.20
N LYS A 65 -7.89 21.87 -10.19
CA LYS A 65 -6.68 22.12 -9.43
C LYS A 65 -6.64 23.56 -8.94
N THR A 66 -6.50 23.73 -7.64
CA THR A 66 -6.28 25.02 -7.01
C THR A 66 -5.17 24.80 -6.02
N THR A 67 -4.23 25.75 -5.94
CA THR A 67 -3.10 25.63 -5.02
C THR A 67 -3.10 26.79 -4.03
N GLY A 68 -2.93 26.46 -2.78
CA GLY A 68 -2.83 27.35 -1.66
C GLY A 68 -1.90 26.79 -0.60
N THR A 69 -2.27 27.04 0.64
CA THR A 69 -1.44 26.67 1.79
C THR A 69 -2.32 25.94 2.85
N ALA A 70 -1.76 24.90 3.45
CA ALA A 70 -2.36 24.29 4.63
C ALA A 70 -1.47 24.66 5.80
N THR A 71 -2.08 25.10 6.89
CA THR A 71 -1.41 25.51 8.11
C THR A 71 -1.94 24.69 9.26
N ALA A 72 -1.04 24.04 10.01
CA ALA A 72 -1.44 23.31 11.22
C ALA A 72 -1.63 24.25 12.40
N LYS A 73 -2.76 24.13 13.09
CA LYS A 73 -3.00 24.86 14.35
C LYS A 73 -3.50 23.87 15.37
N GLY A 74 -2.58 23.08 15.92
CA GLY A 74 -2.93 22.11 16.96
C GLY A 74 -3.67 20.95 16.30
N SER A 75 -4.95 20.82 16.61
CA SER A 75 -5.80 19.79 15.99
C SER A 75 -6.34 20.22 14.65
N ASP A 76 -6.18 21.49 14.30
CA ASP A 76 -6.87 22.03 13.14
C ASP A 76 -5.99 22.18 11.90
N ILE A 77 -6.56 21.83 10.75
CA ILE A 77 -5.97 22.04 9.42
C ILE A 77 -6.70 23.27 8.84
N VAL A 78 -5.97 24.34 8.51
CA VAL A 78 -6.55 25.56 7.98
C VAL A 78 -6.01 25.76 6.56
N VAL A 79 -6.96 25.89 5.63
CA VAL A 79 -6.69 26.23 4.24
C VAL A 79 -7.61 27.40 3.88
N GLY A 80 -7.04 28.58 3.70
CA GLY A 80 -7.88 29.75 3.40
C GLY A 80 -8.88 30.02 4.52
N SER A 81 -10.17 30.09 4.19
CA SER A 81 -11.24 30.33 5.17
C SER A 81 -11.78 29.05 5.79
N ASP A 82 -11.20 27.92 5.41
CA ASP A 82 -11.74 26.64 5.84
C ASP A 82 -10.86 26.00 6.92
N THR A 83 -11.50 25.56 7.98
CA THR A 83 -10.84 24.86 9.07
C THR A 83 -11.46 23.47 9.23
N SER A 84 -10.60 22.47 9.38
CA SER A 84 -11.01 21.10 9.64
C SER A 84 -10.33 20.62 10.89
N THR A 85 -11.04 19.89 11.76
CA THR A 85 -10.44 19.45 13.00
C THR A 85 -10.18 17.97 12.92
N VAL A 86 -8.95 17.57 13.20
CA VAL A 86 -8.56 16.18 13.11
C VAL A 86 -9.10 15.41 14.31
N ILE A 87 -9.88 14.39 13.99
CA ILE A 87 -10.35 13.40 14.96
C ILE A 87 -9.41 12.21 15.10
N TYR A 88 -8.86 11.77 13.97
CA TYR A 88 -7.89 10.69 13.99
C TYR A 88 -6.98 10.83 12.79
N THR A 89 -5.67 10.67 12.97
CA THR A 89 -4.78 10.49 11.86
C THR A 89 -3.69 9.49 12.22
N ASP A 90 -3.23 8.73 11.23
CA ASP A 90 -2.01 7.94 11.44
C ASP A 90 -0.82 8.54 10.70
N GLY A 91 -1.02 9.66 9.99
CA GLY A 91 0.07 10.26 9.24
C GLY A 91 0.64 9.38 8.13
N LYS A 92 -0.13 8.37 7.70
CA LYS A 92 0.39 7.39 6.75
C LYS A 92 -0.62 6.90 5.70
N THR A 93 -1.84 6.61 6.18
CA THR A 93 -2.83 5.96 5.34
C THR A 93 -4.21 6.63 5.28
N CYS A 94 -4.60 7.39 6.31
CA CYS A 94 -5.93 7.89 6.37
C CYS A 94 -6.10 8.88 7.52
N ASP A 95 -7.19 9.65 7.44
CA ASP A 95 -7.58 10.59 8.45
C ASP A 95 -9.07 10.59 8.61
N VAL A 96 -9.51 11.00 9.82
CA VAL A 96 -10.91 11.35 10.05
C VAL A 96 -10.89 12.78 10.53
N VAL A 97 -11.66 13.64 9.87
CA VAL A 97 -11.73 15.06 10.26
C VAL A 97 -13.17 15.50 10.33
N LYS A 98 -13.39 16.61 11.03
CA LYS A 98 -14.67 17.30 11.00
C LYS A 98 -14.49 18.62 10.34
N HIS A 99 -15.36 18.93 9.36
CA HIS A 99 -15.34 20.20 8.66
C HIS A 99 -16.76 20.74 8.60
N GLY A 100 -17.02 21.90 9.18
CA GLY A 100 -18.36 22.50 8.95
C GLY A 100 -19.61 21.68 9.34
N GLY A 101 -19.46 20.95 10.45
CA GLY A 101 -20.44 20.03 11.05
C GLY A 101 -20.35 18.60 10.49
N HIS A 102 -19.69 18.47 9.36
CA HIS A 102 -19.60 17.19 8.63
C HIS A 102 -18.39 16.36 9.10
N THR A 103 -18.58 15.07 9.01
CA THR A 103 -17.55 14.11 9.32
C THR A 103 -17.01 13.51 8.01
N GLU A 104 -15.69 13.49 7.84
CA GLU A 104 -15.05 13.04 6.59
C GLU A 104 -13.99 11.99 6.88
N LEU A 105 -13.94 11.01 5.99
CA LEU A 105 -12.89 10.00 5.95
C LEU A 105 -12.06 10.21 4.72
N TRP A 106 -10.77 10.50 4.94
CA TRP A 106 -9.81 10.70 3.86
C TRP A 106 -8.84 9.53 3.83
N VAL A 107 -8.53 9.05 2.64
CA VAL A 107 -7.61 7.90 2.47
C VAL A 107 -6.46 8.29 1.52
N HIS A 108 -5.26 7.87 1.88
CA HIS A 108 -4.07 8.12 1.08
C HIS A 108 -4.21 7.41 -0.26
N SER A 109 -3.62 8.00 -1.30
CA SER A 109 -3.67 7.46 -2.64
C SER A 109 -3.12 6.05 -2.78
N SER A 110 -2.28 5.65 -1.85
CA SER A 110 -1.73 4.28 -1.79
C SER A 110 -2.71 3.25 -1.25
N LYS A 111 -3.84 3.68 -0.72
CA LYS A 111 -4.75 2.80 0.01
CA LYS A 111 -4.74 2.74 -0.03
C LYS A 111 -6.20 2.92 -0.46
N THR A 112 -6.42 3.43 -1.67
CA THR A 112 -7.75 3.62 -2.28
C THR A 112 -8.55 2.33 -2.40
N SER A 113 -7.86 1.19 -2.43
CA SER A 113 -8.53 -0.11 -2.51
C SER A 113 -8.68 -0.80 -1.14
N GLY A 114 -8.42 -0.08 -0.06
CA GLY A 114 -8.59 -0.64 1.27
C GLY A 114 -7.26 -0.96 1.89
N GLY A 115 -7.30 -1.36 3.14
CA GLY A 115 -6.14 -1.72 3.88
C GLY A 115 -5.40 -0.60 4.55
N TYR A 116 -6.14 0.41 4.92
CA TYR A 116 -5.66 1.52 5.74
C TYR A 116 -5.89 1.21 7.22
N ASN A 117 -5.53 2.11 8.10
CA ASN A 117 -5.62 1.86 9.54
C ASN A 117 -7.06 1.73 10.01
N ASN A 118 -7.38 0.64 10.73
CA ASN A 118 -8.75 0.44 11.13
C ASN A 118 -9.29 1.60 11.99
N CYS A 119 -8.41 2.32 12.70
CA CYS A 119 -8.86 3.42 13.52
C CYS A 119 -9.63 4.42 12.74
N CYS A 120 -9.30 4.57 11.46
CA CYS A 120 -10.06 5.50 10.60
C CYS A 120 -11.50 5.10 10.45
N ASP A 121 -11.75 3.81 10.19
CA ASP A 121 -13.14 3.34 10.09
C ASP A 121 -13.81 3.45 11.46
N LYS A 122 -13.10 3.11 12.54
CA LYS A 122 -13.72 3.16 13.88
CA LYS A 122 -13.68 3.15 13.90
C LYS A 122 -14.13 4.59 14.20
N LYS A 123 -13.22 5.54 14.02
CA LYS A 123 -13.49 6.93 14.38
C LYS A 123 -14.43 7.60 13.42
N PHE A 124 -14.40 7.24 12.15
CA PHE A 124 -15.39 7.76 11.22
C PHE A 124 -16.81 7.34 11.63
N THR A 125 -16.97 6.05 11.91
CA THR A 125 -18.27 5.52 12.31
C THR A 125 -18.75 6.18 13.59
N GLU A 126 -17.85 6.30 14.56
CA GLU A 126 -18.19 6.89 15.85
CA GLU A 126 -18.20 6.88 15.85
C GLU A 126 -18.60 8.35 15.68
N THR A 127 -17.82 9.08 14.92
CA THR A 127 -18.02 10.52 14.84
C THR A 127 -19.24 10.87 14.02
N ARG A 128 -19.46 10.17 12.92
CA ARG A 128 -20.67 10.49 12.13
C ARG A 128 -21.94 10.10 12.87
N GLY A 129 -21.86 9.09 13.73
CA GLY A 129 -23.00 8.58 14.47
C GLY A 129 -24.12 8.21 13.52
N SER A 130 -25.32 8.74 13.78
CA SER A 130 -26.49 8.35 13.05
C SER A 130 -26.59 9.10 11.71
N THR A 131 -25.65 9.99 11.39
CA THR A 131 -25.73 10.67 10.10
C THR A 131 -25.18 9.73 9.03
N PRO A 132 -25.97 9.47 7.97
CA PRO A 132 -25.47 8.51 6.95
C PRO A 132 -24.18 8.97 6.26
N ALA A 133 -23.40 8.00 5.84
CA ALA A 133 -22.19 8.26 5.07
C ALA A 133 -22.50 8.20 3.58
N ASN A 134 -21.80 9.03 2.82
CA ASN A 134 -21.94 9.10 1.35
C ASN A 134 -20.57 8.90 0.73
N GLU A 135 -20.51 8.04 -0.28
CA GLU A 135 -19.24 7.69 -0.91
CA GLU A 135 -19.25 7.69 -0.95
C GLU A 135 -18.88 8.78 -1.94
N VAL A 136 -17.61 9.15 -1.96
CA VAL A 136 -17.14 10.23 -2.81
C VAL A 136 -16.09 9.78 -3.85
N TYR A 137 -15.26 8.82 -3.49
CA TYR A 137 -14.21 8.30 -4.40
C TYR A 137 -14.87 7.27 -5.25
N LYS A 138 -15.07 7.56 -6.53
CA LYS A 138 -15.66 6.56 -7.41
C LYS A 138 -14.70 6.16 -8.59
N LYS A 139 -14.95 6.74 -9.74
CA LYS A 139 -14.27 6.46 -10.99
C LYS A 139 -13.29 7.64 -11.14
N CYS A 140 -12.24 7.63 -10.31
CA CYS A 140 -11.30 8.76 -10.22
C CYS A 140 -10.04 8.60 -11.04
N PRO A 141 -9.59 9.71 -11.69
CA PRO A 141 -8.23 9.77 -12.27
C PRO A 141 -7.17 9.55 -11.15
N GLY A 142 -5.94 9.30 -11.55
CA GLY A 142 -4.85 9.20 -10.60
C GLY A 142 -4.57 10.55 -9.95
N MET A 143 -3.83 10.50 -8.86
CA MET A 143 -3.52 11.67 -8.08
C MET A 143 -2.56 12.59 -8.85
N PRO A 144 -2.87 13.89 -8.93
CA PRO A 144 -1.94 14.81 -9.58
C PRO A 144 -0.58 14.85 -8.87
N MET B 1 -13.82 -1.76 -2.01
CA MET B 1 -12.52 -1.99 -1.28
C MET B 1 -12.00 -3.33 -1.74
N ASP B 2 -11.37 -3.25 -2.93
CA ASP B 2 -10.98 -4.38 -3.67
C ASP B 2 -10.06 -5.21 -2.81
N ASP B 3 -9.15 -4.58 -2.08
CA ASP B 3 -8.14 -5.35 -1.33
C ASP B 3 -8.71 -6.03 -0.08
N CYS B 4 -9.97 -5.76 0.26
CA CYS B 4 -10.66 -6.49 1.34
C CYS B 4 -11.38 -7.75 0.85
N SER B 5 -11.34 -7.98 -0.47
CA SER B 5 -12.04 -9.11 -1.08
CA SER B 5 -12.05 -9.12 -1.05
C SER B 5 -11.03 -10.14 -1.53
N GLY B 6 -11.41 -11.41 -1.47
CA GLY B 6 -10.55 -12.48 -1.96
C GLY B 6 -9.33 -12.79 -1.14
N LYS B 7 -9.32 -12.38 0.13
CA LYS B 7 -8.16 -12.64 0.99
CA LYS B 7 -8.17 -12.64 0.98
C LYS B 7 -8.57 -13.73 1.97
N THR B 8 -8.70 -14.95 1.45
CA THR B 8 -9.31 -16.05 2.15
C THR B 8 -8.36 -17.23 2.40
N ASP B 9 -7.06 -17.02 2.26
CA ASP B 9 -6.12 -18.12 2.39
C ASP B 9 -5.88 -18.51 3.85
N ALA B 10 -6.30 -19.71 4.22
CA ALA B 10 -6.15 -20.18 5.59
C ALA B 10 -4.69 -20.30 6.00
N TRP B 11 -3.81 -20.72 5.09
CA TRP B 11 -2.41 -20.87 5.49
C TRP B 11 -1.76 -19.52 5.84
N THR B 12 -2.04 -18.51 5.02
CA THR B 12 -1.64 -17.12 5.32
C THR B 12 -2.14 -16.68 6.69
N SER B 13 -3.38 -17.02 6.98
CA SER B 13 -3.98 -16.66 8.26
C SER B 13 -3.33 -17.37 9.42
N ILE B 14 -3.15 -18.67 9.30
CA ILE B 14 -2.49 -19.45 10.36
C ILE B 14 -1.09 -18.91 10.68
N LYS B 15 -0.32 -18.64 9.66
CA LYS B 15 1.02 -18.13 9.87
C LYS B 15 1.02 -16.75 10.50
N GLY B 16 0.18 -15.84 10.02
CA GLY B 16 0.33 -14.45 10.36
C GLY B 16 1.76 -14.04 10.09
N PRO B 17 2.32 -13.18 10.95
CA PRO B 17 3.72 -12.74 10.79
C PRO B 17 4.74 -13.75 11.39
N LYS B 18 4.26 -14.89 11.86
CA LYS B 18 5.06 -16.01 12.34
C LYS B 18 5.74 -15.74 13.66
N THR B 19 5.28 -14.71 14.35
CA THR B 19 5.66 -14.51 15.75
CA THR B 19 5.70 -14.35 15.69
C THR B 19 4.47 -13.92 16.47
N GLY B 20 4.52 -13.92 17.79
CA GLY B 20 3.36 -13.48 18.57
C GLY B 20 2.23 -14.47 18.42
N GLY B 21 1.02 -13.99 18.61
CA GLY B 21 -0.18 -14.79 18.52
C GLY B 21 -1.38 -13.91 18.25
N TYR B 22 -2.57 -14.53 18.22
CA TYR B 22 -3.81 -13.80 17.97
C TYR B 22 -4.78 -13.94 19.11
N TRP B 23 -5.46 -12.83 19.40
CA TRP B 23 -6.51 -12.81 20.42
C TRP B 23 -7.87 -12.67 19.72
N LEU B 24 -8.88 -13.37 20.22
CA LEU B 24 -10.25 -13.16 19.75
C LEU B 24 -10.73 -11.80 20.33
N LYS B 25 -10.97 -10.82 19.46
CA LYS B 25 -11.35 -9.49 19.91
CA LYS B 25 -11.34 -9.48 19.87
C LYS B 25 -12.86 -9.35 20.04
N GLN B 26 -13.59 -9.80 19.01
CA GLN B 26 -15.03 -9.74 19.00
C GLN B 26 -15.60 -11.00 18.38
N THR B 27 -16.77 -11.37 18.86
CA THR B 27 -17.50 -12.52 18.35
C THR B 27 -19.00 -12.30 18.44
N THR B 28 -19.75 -12.97 17.56
CA THR B 28 -21.18 -12.99 17.67
C THR B 28 -21.68 -13.95 18.78
N LYS B 29 -20.81 -14.85 19.26
CA LYS B 29 -21.16 -15.79 20.33
C LYS B 29 -21.30 -15.04 21.65
N THR B 30 -22.33 -15.38 22.42
CA THR B 30 -22.45 -14.89 23.80
C THR B 30 -21.78 -15.84 24.75
N GLY B 31 -21.34 -15.31 25.89
CA GLY B 31 -20.71 -16.14 26.89
C GLY B 31 -19.39 -16.75 26.47
N GLU B 32 -18.69 -16.09 25.56
CA GLU B 32 -17.40 -16.59 25.09
C GLU B 32 -16.39 -16.43 26.21
N ASN B 33 -15.40 -17.32 26.26
CA ASN B 33 -14.38 -17.21 27.27
C ASN B 33 -13.49 -15.98 27.03
N GLU B 34 -13.27 -15.20 28.07
CA GLU B 34 -12.42 -14.02 27.95
C GLU B 34 -10.96 -14.42 27.65
N CYS B 35 -10.32 -13.58 26.86
CA CYS B 35 -8.92 -13.75 26.52
C CYS B 35 -8.65 -15.02 25.79
N THR B 36 -9.64 -15.44 25.00
CA THR B 36 -9.43 -16.53 24.05
C THR B 36 -8.29 -16.17 23.09
N TYR B 37 -7.36 -17.10 22.88
CA TYR B 37 -6.19 -16.82 22.05
C TYR B 37 -5.78 -18.08 21.28
N VAL B 38 -5.00 -17.85 20.22
CA VAL B 38 -4.25 -18.92 19.57
C VAL B 38 -2.82 -18.39 19.29
N LYS B 39 -1.86 -19.31 19.18
CA LYS B 39 -0.51 -18.94 18.87
C LYS B 39 0.13 -20.03 18.02
N GLY B 40 0.56 -19.68 16.81
CA GLY B 40 1.24 -20.62 15.97
C GLY B 40 2.73 -20.62 16.18
N THR B 41 3.27 -21.82 16.05
CA THR B 41 4.75 -22.02 16.00
C THR B 41 5.09 -23.14 15.04
N ASP B 42 6.37 -23.20 14.66
CA ASP B 42 6.91 -24.26 13.84
C ASP B 42 6.04 -24.53 12.63
N PHE B 43 6.02 -23.50 11.81
CA PHE B 43 5.25 -23.50 10.59
C PHE B 43 5.93 -24.40 9.54
N LYS B 44 5.18 -25.34 8.96
CA LYS B 44 5.68 -26.25 7.96
C LYS B 44 5.03 -25.94 6.61
N GLU B 45 5.78 -25.34 5.68
CA GLU B 45 5.25 -25.04 4.38
C GLU B 45 4.89 -26.31 3.61
N ASN B 46 5.66 -27.37 3.83
CA ASN B 46 5.45 -28.60 3.14
CA ASN B 46 5.41 -28.57 3.07
C ASN B 46 4.02 -29.18 3.31
N THR B 47 3.53 -29.11 4.54
CA THR B 47 2.22 -29.66 4.88
C THR B 47 1.15 -28.57 5.15
N LYS B 48 1.54 -27.30 5.14
CA LYS B 48 0.65 -26.18 5.52
C LYS B 48 0.00 -26.49 6.85
N THR B 49 0.86 -26.85 7.81
CA THR B 49 0.47 -27.06 9.18
C THR B 49 1.37 -26.28 10.15
N ALA B 50 0.80 -25.99 11.31
CA ALA B 50 1.53 -25.32 12.37
C ALA B 50 1.19 -25.98 13.66
N THR B 51 2.10 -25.87 14.60
CA THR B 51 1.79 -26.11 15.98
C THR B 51 0.90 -24.94 16.50
N TYR B 52 -0.20 -25.26 17.16
CA TYR B 52 -1.15 -24.26 17.67
C TYR B 52 -1.32 -24.46 19.15
N THR B 53 -0.93 -23.46 19.92
CA THR B 53 -1.18 -23.41 21.36
C THR B 53 -2.35 -22.45 21.58
N TYR B 54 -3.40 -22.91 22.29
CA TYR B 54 -4.62 -22.13 22.38
C TYR B 54 -5.30 -22.29 23.72
N GLY B 55 -6.12 -21.32 24.07
CA GLY B 55 -6.78 -21.30 25.37
C GLY B 55 -7.48 -20.02 25.68
N TYR B 56 -7.66 -19.74 26.95
CA TYR B 56 -8.43 -18.59 27.39
C TYR B 56 -8.13 -18.39 28.86
N LYS B 57 -8.63 -17.30 29.42
CA LYS B 57 -8.40 -16.96 30.81
C LYS B 57 -9.40 -17.71 31.67
N ASP B 58 -8.89 -18.61 32.52
CA ASP B 58 -9.75 -19.40 33.42
C ASP B 58 -10.30 -18.55 34.57
N ALA B 59 -11.08 -19.18 35.43
CA ALA B 59 -11.78 -18.48 36.52
C ALA B 59 -10.82 -17.89 37.54
N SER B 60 -9.62 -18.47 37.66
CA SER B 60 -8.58 -17.94 38.52
C SER B 60 -7.80 -16.80 37.90
N GLY B 61 -8.06 -16.53 36.62
CA GLY B 61 -7.41 -15.44 35.89
C GLY B 61 -6.14 -15.87 35.20
N LYS B 62 -5.95 -17.18 35.08
CA LYS B 62 -4.76 -17.75 34.46
CA LYS B 62 -4.77 -17.77 34.46
C LYS B 62 -5.10 -18.31 33.07
N LEU B 63 -4.22 -18.09 32.09
CA LEU B 63 -4.48 -18.66 30.74
C LEU B 63 -4.36 -20.15 30.76
N THR B 64 -5.32 -20.83 30.17
CA THR B 64 -5.20 -22.26 29.88
C THR B 64 -4.35 -22.47 28.62
N LYS B 65 -3.87 -23.71 28.40
CA LYS B 65 -2.94 -24.04 27.31
CA LYS B 65 -2.95 -24.04 27.34
C LYS B 65 -3.22 -25.44 26.79
N THR B 66 -3.58 -25.53 25.51
CA THR B 66 -3.60 -26.79 24.77
C THR B 66 -2.63 -26.67 23.59
N THR B 67 -1.73 -27.65 23.35
CA THR B 67 -0.74 -27.57 22.23
C THR B 67 -1.16 -28.55 21.15
N GLY B 68 -1.81 -28.01 20.10
CA GLY B 68 -2.49 -28.76 19.07
C GLY B 68 -1.87 -28.47 17.69
N THR B 69 -2.64 -28.73 16.62
CA THR B 69 -2.16 -28.55 15.22
C THR B 69 -3.21 -27.78 14.41
N ALA B 70 -2.78 -26.77 13.68
CA ALA B 70 -3.64 -26.05 12.73
C ALA B 70 -3.25 -26.52 11.33
N THR B 71 -4.25 -26.90 10.54
CA THR B 71 -4.04 -27.37 9.18
C THR B 71 -4.80 -26.48 8.24
N ALA B 72 -4.12 -25.95 7.23
CA ALA B 72 -4.78 -25.14 6.19
C ALA B 72 -5.41 -26.08 5.18
N LYS B 73 -6.70 -25.82 4.87
CA LYS B 73 -7.43 -26.52 3.80
CA LYS B 73 -7.45 -26.52 3.82
C LYS B 73 -8.15 -25.47 2.96
N GLY B 74 -7.39 -24.83 2.07
CA GLY B 74 -7.93 -23.78 1.21
C GLY B 74 -8.29 -22.56 2.02
N SER B 75 -9.59 -22.32 2.12
CA SER B 75 -10.10 -21.22 2.95
C SER B 75 -10.25 -21.58 4.42
N ASP B 76 -10.12 -22.87 4.75
CA ASP B 76 -10.47 -23.32 6.09
C ASP B 76 -9.23 -23.59 6.97
N ILE B 77 -9.31 -23.13 8.21
CA ILE B 77 -8.38 -23.44 9.29
C ILE B 77 -8.98 -24.57 10.15
N VAL B 78 -8.32 -25.71 10.15
CA VAL B 78 -8.78 -26.85 10.92
C VAL B 78 -7.89 -27.03 12.13
N VAL B 79 -8.48 -26.97 13.33
CA VAL B 79 -7.74 -27.23 14.56
C VAL B 79 -8.45 -28.34 15.26
N GLY B 80 -7.76 -29.48 15.38
CA GLY B 80 -8.35 -30.62 16.02
C GLY B 80 -9.63 -30.96 15.28
N SER B 81 -10.76 -30.91 15.98
CA SER B 81 -12.06 -31.23 15.36
C SER B 81 -12.83 -30.04 14.74
N ASP B 82 -12.27 -28.85 14.79
CA ASP B 82 -13.07 -27.68 14.55
C ASP B 82 -12.54 -26.96 13.30
N THR B 83 -13.46 -26.47 12.51
CA THR B 83 -13.12 -25.77 11.28
C THR B 83 -13.61 -24.31 11.31
N SER B 84 -12.74 -23.36 10.91
CA SER B 84 -13.08 -22.00 10.75
C SER B 84 -12.80 -21.62 9.31
N THR B 85 -13.69 -20.87 8.69
CA THR B 85 -13.51 -20.43 7.32
C THR B 85 -13.05 -18.99 7.31
N VAL B 86 -11.97 -18.72 6.61
CA VAL B 86 -11.41 -17.37 6.54
C VAL B 86 -12.24 -16.50 5.59
N ILE B 87 -12.77 -15.40 6.13
CA ILE B 87 -13.46 -14.38 5.37
C ILE B 87 -12.48 -13.33 4.87
N TYR B 88 -11.53 -12.98 5.73
CA TYR B 88 -10.50 -12.01 5.39
C TYR B 88 -9.28 -12.27 6.25
N THR B 89 -8.09 -12.16 5.68
CA THR B 89 -6.85 -12.11 6.44
C THR B 89 -5.85 -11.23 5.72
N ASP B 90 -5.03 -10.52 6.50
CA ASP B 90 -3.88 -9.84 5.95
C ASP B 90 -2.60 -10.59 6.22
N GLY B 91 -2.66 -11.72 6.95
CA GLY B 91 -1.43 -12.42 7.32
C GLY B 91 -0.45 -11.63 8.19
N LYS B 92 -0.93 -10.58 8.85
CA LYS B 92 -0.04 -9.64 9.58
C LYS B 92 -0.62 -9.09 10.88
N THR B 93 -1.90 -8.69 10.86
CA THR B 93 -2.48 -7.92 11.97
C THR B 93 -3.84 -8.45 12.46
N CYS B 94 -4.58 -9.11 11.58
CA CYS B 94 -5.94 -9.50 11.96
C CYS B 94 -6.55 -10.50 10.96
N ASP B 95 -7.63 -11.14 11.41
CA ASP B 95 -8.43 -12.04 10.60
C ASP B 95 -9.89 -11.89 10.95
N VAL B 96 -10.73 -12.16 9.95
CA VAL B 96 -12.16 -12.41 10.15
C VAL B 96 -12.43 -13.84 9.71
N VAL B 97 -13.07 -14.62 10.60
CA VAL B 97 -13.38 -16.03 10.26
C VAL B 97 -14.82 -16.30 10.71
N LYS B 98 -15.35 -17.32 10.10
CA LYS B 98 -16.66 -17.91 10.41
CA LYS B 98 -16.63 -17.89 10.54
C LYS B 98 -16.38 -19.26 11.11
N HIS B 99 -16.88 -19.45 12.34
CA HIS B 99 -16.75 -20.71 13.03
C HIS B 99 -18.13 -21.11 13.56
N GLY B 100 -18.65 -22.23 13.12
CA GLY B 100 -19.90 -22.75 13.75
C GLY B 100 -21.14 -21.83 13.78
N GLY B 101 -21.29 -21.05 12.71
CA GLY B 101 -22.34 -20.08 12.54
C GLY B 101 -21.93 -18.67 12.99
N HIS B 102 -20.89 -18.60 13.80
CA HIS B 102 -20.48 -17.34 14.40
C HIS B 102 -19.42 -16.61 13.58
N THR B 103 -19.42 -15.31 13.71
CA THR B 103 -18.43 -14.45 13.06
C THR B 103 -17.46 -13.96 14.13
N GLU B 104 -16.17 -14.10 13.83
CA GLU B 104 -15.13 -13.73 14.77
C GLU B 104 -14.09 -12.83 14.17
N LEU B 105 -13.68 -11.81 14.94
CA LEU B 105 -12.58 -10.92 14.61
C LEU B 105 -11.40 -11.24 15.53
N TRP B 106 -10.28 -11.64 14.91
CA TRP B 106 -9.07 -11.95 15.63
C TRP B 106 -8.01 -10.88 15.32
N VAL B 107 -7.27 -10.49 16.33
CA VAL B 107 -6.26 -9.44 16.16
C VAL B 107 -4.92 -9.94 16.72
N HIS B 108 -3.85 -9.63 16.01
CA HIS B 108 -2.51 -10.02 16.41
C HIS B 108 -2.12 -9.30 17.69
N SER B 109 -1.26 -9.96 18.47
CA SER B 109 -0.82 -9.44 19.74
C SER B 109 -0.12 -8.08 19.66
N SER B 110 0.42 -7.75 18.49
CA SER B 110 1.05 -6.44 18.27
C SER B 110 0.03 -5.33 18.07
N LYS B 111 -1.27 -5.66 17.92
CA LYS B 111 -2.25 -4.65 17.53
C LYS B 111 -3.51 -4.70 18.40
N THR B 112 -3.37 -5.20 19.63
CA THR B 112 -4.47 -5.30 20.61
C THR B 112 -5.07 -3.94 20.95
N SER B 113 -4.29 -2.86 20.80
CA SER B 113 -4.78 -1.51 21.12
C SER B 113 -5.27 -0.77 19.86
N GLY B 114 -5.38 -1.48 18.75
CA GLY B 114 -5.89 -0.91 17.54
C GLY B 114 -4.81 -0.69 16.51
N GLY B 115 -5.24 -0.25 15.33
CA GLY B 115 -4.36 0.01 14.24
C GLY B 115 -4.03 -1.18 13.38
N TYR B 116 -4.96 -2.13 13.29
CA TYR B 116 -4.82 -3.24 12.38
C TYR B 116 -5.48 -2.88 11.03
N ASN B 117 -5.51 -3.81 10.09
CA ASN B 117 -6.01 -3.51 8.76
C ASN B 117 -7.50 -3.23 8.79
N ASN B 118 -7.95 -2.14 8.15
CA ASN B 118 -9.35 -1.76 8.24
C ASN B 118 -10.26 -2.80 7.62
N CYS B 119 -9.73 -3.61 6.68
CA CYS B 119 -10.52 -4.64 6.05
C CYS B 119 -11.10 -5.60 7.07
N CYS B 120 -10.38 -5.80 8.17
CA CYS B 120 -10.92 -6.69 9.22
C CYS B 120 -12.18 -6.10 9.85
N ASP B 121 -12.20 -4.81 10.16
CA ASP B 121 -13.44 -4.19 10.66
C ASP B 121 -14.54 -4.24 9.59
N LYS B 122 -14.17 -3.97 8.35
CA LYS B 122 -15.18 -3.94 7.27
C LYS B 122 -15.84 -5.31 7.14
N LYS B 123 -15.01 -6.34 7.01
CA LYS B 123 -15.53 -7.69 6.76
C LYS B 123 -16.17 -8.26 8.02
N PHE B 124 -15.71 -7.90 9.22
CA PHE B 124 -16.35 -8.36 10.43
C PHE B 124 -17.78 -7.81 10.51
N THR B 125 -17.89 -6.51 10.25
CA THR B 125 -19.17 -5.82 10.31
C THR B 125 -20.12 -6.40 9.24
N GLU B 126 -19.60 -6.59 8.03
N GLU B 126 -19.64 -6.54 8.02
CA GLU B 126 -20.40 -7.12 6.91
CA GLU B 126 -20.48 -7.11 6.96
C GLU B 126 -20.88 -8.55 7.18
C GLU B 126 -20.94 -8.51 7.33
N THR B 127 -19.99 -9.37 7.70
CA THR B 127 -20.30 -10.79 7.92
C THR B 127 -21.22 -11.05 9.09
N ARG B 128 -21.02 -10.34 10.19
CA ARG B 128 -21.93 -10.55 11.32
C ARG B 128 -23.32 -10.01 11.01
N GLY B 129 -23.39 -8.97 10.18
CA GLY B 129 -24.66 -8.35 9.82
C GLY B 129 -25.39 -7.87 11.05
N SER B 130 -26.65 -8.27 11.16
CA SER B 130 -27.52 -7.86 12.25
C SER B 130 -27.22 -8.57 13.58
N THR B 131 -26.32 -9.56 13.59
CA THR B 131 -26.03 -10.26 14.85
C THR B 131 -25.10 -9.39 15.67
N PRO B 132 -25.46 -9.05 16.91
CA PRO B 132 -24.58 -8.16 17.68
C PRO B 132 -23.19 -8.75 17.95
N ALA B 133 -22.21 -7.85 18.12
CA ALA B 133 -20.84 -8.21 18.45
C ALA B 133 -20.63 -8.13 19.96
N ASN B 134 -19.84 -9.06 20.47
CA ASN B 134 -19.50 -9.13 21.87
C ASN B 134 -17.98 -9.10 22.02
N GLU B 135 -17.52 -8.23 22.92
CA GLU B 135 -16.09 -8.05 23.16
CA GLU B 135 -16.09 -8.06 23.13
C GLU B 135 -15.54 -9.17 24.03
N VAL B 136 -14.37 -9.69 23.65
CA VAL B 136 -13.75 -10.85 24.33
C VAL B 136 -12.37 -10.55 24.95
N TYR B 137 -11.60 -9.66 24.33
CA TYR B 137 -10.27 -9.32 24.82
C TYR B 137 -10.45 -8.23 25.81
N LYS B 138 -10.27 -8.52 27.10
CA LYS B 138 -10.47 -7.48 28.12
C LYS B 138 -9.16 -7.30 28.93
N LYS B 139 -9.11 -7.97 30.05
CA LYS B 139 -8.08 -7.86 31.08
C LYS B 139 -7.20 -9.08 30.91
N CYS B 140 -6.41 -9.09 29.83
CA CYS B 140 -5.70 -10.27 29.43
C CYS B 140 -4.21 -10.23 29.75
N PRO B 141 -3.72 -11.38 30.20
CA PRO B 141 -2.32 -11.55 30.34
C PRO B 141 -1.57 -11.53 28.98
N GLY B 142 -0.25 -11.50 29.02
CA GLY B 142 0.54 -11.61 27.81
C GLY B 142 0.40 -12.99 27.15
N MET B 143 0.75 -13.04 25.87
CA MET B 143 0.75 -14.24 25.09
C MET B 143 1.69 -15.28 25.67
N PRO B 144 1.22 -16.54 25.81
CA PRO B 144 2.11 -17.61 26.22
C PRO B 144 3.25 -17.84 25.25
N MET C 1 8.75 -17.20 -16.28
CA MET C 1 9.48 -16.85 -14.99
C MET C 1 9.34 -17.86 -13.88
N ASP C 2 8.24 -17.83 -13.10
CA ASP C 2 7.03 -17.09 -13.41
C ASP C 2 7.07 -15.61 -13.07
N ASP C 3 7.81 -15.20 -12.03
CA ASP C 3 7.82 -13.75 -11.70
C ASP C 3 8.62 -12.89 -12.71
N CYS C 4 9.33 -13.52 -13.62
CA CYS C 4 9.96 -12.82 -14.76
C CYS C 4 9.04 -12.61 -15.98
N SER C 5 7.83 -13.15 -15.92
N SER C 5 7.84 -13.19 -15.96
CA SER C 5 6.85 -13.03 -17.01
CA SER C 5 6.85 -13.03 -17.02
C SER C 5 5.74 -12.08 -16.60
C SER C 5 5.80 -12.02 -16.59
N GLY C 6 5.25 -11.31 -17.56
CA GLY C 6 4.11 -10.45 -17.28
C GLY C 6 4.39 -9.17 -16.54
N LYS C 7 5.67 -8.76 -16.52
CA LYS C 7 6.06 -7.56 -15.79
CA LYS C 7 6.06 -7.56 -15.81
C LYS C 7 6.40 -6.50 -16.84
N THR C 8 5.36 -6.02 -17.52
CA THR C 8 5.49 -5.18 -18.71
C THR C 8 4.86 -3.79 -18.54
N ASP C 9 4.70 -3.35 -17.30
CA ASP C 9 4.04 -2.07 -17.08
C ASP C 9 5.01 -0.87 -17.27
N ALA C 10 4.81 -0.09 -18.31
CA ALA C 10 5.68 1.04 -18.58
C ALA C 10 5.68 2.07 -17.47
N TRP C 11 4.53 2.31 -16.83
CA TRP C 11 4.50 3.30 -15.77
C TRP C 11 5.37 2.93 -14.58
N THR C 12 5.28 1.66 -14.18
CA THR C 12 6.16 1.09 -13.14
C THR C 12 7.64 1.25 -13.52
N SER C 13 7.93 1.02 -14.79
CA SER C 13 9.29 1.13 -15.28
C SER C 13 9.77 2.59 -15.23
N ILE C 14 8.96 3.51 -15.72
CA ILE C 14 9.36 4.90 -15.72
C ILE C 14 9.66 5.39 -14.30
N LYS C 15 8.77 5.06 -13.38
CA LYS C 15 8.92 5.53 -12.00
C LYS C 15 10.17 4.93 -11.35
N GLY C 16 10.41 3.64 -11.54
CA GLY C 16 11.41 2.93 -10.74
C GLY C 16 11.11 3.19 -9.27
N PRO C 17 12.18 3.33 -8.45
CA PRO C 17 12.00 3.66 -7.05
C PRO C 17 11.79 5.16 -6.81
N LYS C 18 11.68 5.95 -7.88
CA LYS C 18 11.35 7.38 -7.81
CA LYS C 18 11.36 7.39 -7.84
C LYS C 18 12.49 8.24 -7.27
N THR C 19 13.67 7.65 -7.19
CA THR C 19 14.90 8.33 -6.86
C THR C 19 16.00 7.76 -7.73
N GLY C 20 17.08 8.50 -7.86
CA GLY C 20 18.19 8.09 -8.74
C GLY C 20 17.76 8.08 -10.18
N GLY C 21 18.42 7.26 -10.98
CA GLY C 21 18.11 7.14 -12.38
C GLY C 21 18.56 5.80 -12.92
N TYR C 22 18.50 5.64 -14.24
CA TYR C 22 18.84 4.38 -14.89
C TYR C 22 19.92 4.57 -15.96
N TRP C 23 20.88 3.66 -15.95
CA TRP C 23 21.92 3.60 -16.94
C TRP C 23 21.64 2.48 -17.96
N LEU C 24 21.95 2.73 -19.22
CA LEU C 24 21.90 1.70 -20.23
C LEU C 24 23.14 0.85 -20.01
N LYS C 25 22.97 -0.39 -19.58
CA LYS C 25 24.11 -1.27 -19.29
CA LYS C 25 24.13 -1.26 -19.29
C LYS C 25 24.58 -1.98 -20.56
N GLN C 26 23.61 -2.57 -21.29
CA GLN C 26 23.90 -3.38 -22.49
C GLN C 26 22.85 -3.11 -23.55
N THR C 27 23.26 -3.20 -24.81
CA THR C 27 22.37 -3.01 -25.93
C THR C 27 22.87 -3.85 -27.13
N THR C 28 21.92 -4.23 -27.99
CA THR C 28 22.25 -4.84 -29.25
C THR C 28 22.75 -3.85 -30.27
N LYS C 29 22.54 -2.54 -30.04
CA LYS C 29 23.02 -1.51 -30.95
C LYS C 29 24.54 -1.38 -30.84
N THR C 30 25.21 -1.18 -31.99
CA THR C 30 26.64 -0.92 -32.00
C THR C 30 26.80 0.58 -32.05
N GLY C 31 27.93 1.03 -31.51
CA GLY C 31 28.21 2.45 -31.50
C GLY C 31 27.29 3.29 -30.64
N GLU C 32 26.70 2.67 -29.60
CA GLU C 32 25.87 3.46 -28.70
C GLU C 32 26.77 4.39 -27.87
N ASN C 33 26.23 5.51 -27.49
CA ASN C 33 26.96 6.45 -26.66
C ASN C 33 27.25 5.87 -25.23
N GLU C 34 28.50 5.88 -24.80
CA GLU C 34 28.85 5.38 -23.47
C GLU C 34 28.15 6.22 -22.39
N CYS C 35 27.76 5.54 -21.32
CA CYS C 35 27.14 6.20 -20.17
C CYS C 35 25.83 6.87 -20.53
N THR C 36 25.11 6.28 -21.47
CA THR C 36 23.73 6.67 -21.74
C THR C 36 22.90 6.48 -20.49
N TYR C 37 22.09 7.50 -20.14
CA TYR C 37 21.30 7.47 -18.91
C TYR C 37 19.94 8.15 -19.14
N VAL C 38 18.99 7.78 -18.28
CA VAL C 38 17.76 8.54 -18.06
C VAL C 38 17.54 8.76 -16.58
N LYS C 39 16.84 9.84 -16.26
CA LYS C 39 16.49 10.12 -14.87
C LYS C 39 15.08 10.72 -14.81
N GLY C 40 14.19 10.03 -14.11
CA GLY C 40 12.83 10.52 -13.92
C GLY C 40 12.73 11.39 -12.68
N THR C 41 11.94 12.43 -12.84
CA THR C 41 11.47 13.27 -11.71
C THR C 41 10.03 13.71 -11.96
N ASP C 42 9.40 14.27 -10.93
CA ASP C 42 8.10 14.89 -11.09
CA ASP C 42 8.09 14.86 -11.02
C ASP C 42 7.09 13.87 -11.62
N PHE C 43 6.97 12.76 -10.94
CA PHE C 43 6.07 11.70 -11.36
C PHE C 43 4.63 12.05 -11.08
N LYS C 44 3.82 12.03 -12.14
CA LYS C 44 2.41 12.45 -12.09
CA LYS C 44 2.43 12.42 -12.01
C LYS C 44 1.50 11.26 -12.35
N GLU C 45 0.90 10.73 -11.29
CA GLU C 45 0.03 9.58 -11.43
C GLU C 45 -1.19 9.89 -12.30
N ASN C 46 -1.67 11.11 -12.26
CA ASN C 46 -2.85 11.50 -13.03
CA ASN C 46 -2.89 11.42 -13.01
C ASN C 46 -2.70 11.25 -14.51
N THR C 47 -1.52 11.56 -15.03
CA THR C 47 -1.23 11.42 -16.46
C THR C 47 -0.24 10.29 -16.80
N LYS C 48 0.24 9.57 -15.79
CA LYS C 48 1.29 8.58 -16.00
C LYS C 48 2.43 9.14 -16.85
N THR C 49 2.91 10.30 -16.41
CA THR C 49 4.01 10.95 -17.04
C THR C 49 5.05 11.38 -16.02
N ALA C 50 6.29 11.49 -16.48
CA ALA C 50 7.40 11.99 -15.66
C ALA C 50 8.22 12.95 -16.50
N THR C 51 8.86 13.90 -15.83
CA THR C 51 9.96 14.61 -16.45
C THR C 51 11.12 13.64 -16.59
N TYR C 52 11.79 13.70 -17.74
CA TYR C 52 12.92 12.85 -18.00
C TYR C 52 14.09 13.75 -18.36
N THR C 53 15.20 13.55 -17.66
CA THR C 53 16.48 14.13 -18.01
C THR C 53 17.35 13.00 -18.55
N TYR C 54 17.93 13.20 -19.73
CA TYR C 54 18.64 12.12 -20.38
C TYR C 54 19.84 12.63 -21.16
N GLY C 55 20.78 11.72 -21.35
CA GLY C 55 22.00 12.05 -22.04
C GLY C 55 23.01 10.93 -21.99
N TYR C 56 24.27 11.30 -22.11
CA TYR C 56 25.35 10.36 -22.24
C TYR C 56 26.67 11.06 -22.01
N LYS C 57 27.74 10.29 -21.93
CA LYS C 57 29.06 10.85 -21.70
C LYS C 57 29.71 11.27 -23.00
N ASP C 58 30.03 12.55 -23.10
CA ASP C 58 30.57 13.12 -24.34
C ASP C 58 32.07 12.79 -24.50
N ALA C 59 32.70 13.26 -25.58
CA ALA C 59 34.14 12.96 -25.83
C ALA C 59 35.09 13.49 -24.73
N SER C 60 34.63 14.52 -24.00
CA SER C 60 35.33 15.08 -22.86
C SER C 60 35.25 14.27 -21.56
N GLY C 61 34.28 13.36 -21.48
CA GLY C 61 33.98 12.66 -20.23
C GLY C 61 32.90 13.33 -19.38
N LYS C 62 32.15 14.28 -19.95
CA LYS C 62 31.09 14.99 -19.19
C LYS C 62 29.73 14.51 -19.69
N LEU C 63 28.76 14.41 -18.80
CA LEU C 63 27.39 13.99 -19.20
C LEU C 63 26.67 15.11 -19.91
N THR C 64 26.03 14.80 -21.02
CA THR C 64 25.09 15.74 -21.66
C THR C 64 23.74 15.70 -20.93
N LYS C 65 22.90 16.72 -21.18
CA LYS C 65 21.59 16.85 -20.51
C LYS C 65 20.53 17.40 -21.47
N THR C 66 19.47 16.63 -21.68
CA THR C 66 18.31 17.02 -22.44
C THR C 66 17.11 16.75 -21.53
N THR C 67 16.15 17.67 -21.47
CA THR C 67 15.01 17.52 -20.60
C THR C 67 13.81 17.32 -21.49
N GLY C 68 13.05 16.25 -21.21
CA GLY C 68 11.80 15.98 -21.92
C GLY C 68 10.82 15.34 -20.98
N THR C 69 9.94 14.53 -21.55
CA THR C 69 8.87 13.87 -20.81
CA THR C 69 8.99 13.80 -20.70
C THR C 69 8.85 12.40 -21.20
N ALA C 70 8.60 11.53 -20.24
CA ALA C 70 8.34 10.12 -20.49
C ALA C 70 6.87 9.90 -20.18
N THR C 71 6.20 9.20 -21.09
CA THR C 71 4.75 8.94 -20.97
C THR C 71 4.53 7.44 -21.04
N ALA C 72 3.75 6.92 -20.10
CA ALA C 72 3.42 5.49 -20.13
C ALA C 72 2.19 5.25 -21.00
N LYS C 73 2.32 4.34 -21.95
CA LYS C 73 1.20 3.85 -22.76
CA LYS C 73 1.21 3.86 -22.78
C LYS C 73 1.15 2.32 -22.72
N GLY C 74 0.61 1.84 -21.62
CA GLY C 74 0.49 0.41 -21.40
C GLY C 74 1.86 -0.23 -21.17
N SER C 75 2.32 -1.01 -22.14
CA SER C 75 3.67 -1.56 -22.09
C SER C 75 4.74 -0.65 -22.61
N ASP C 76 4.34 0.48 -23.20
CA ASP C 76 5.29 1.32 -23.91
C ASP C 76 5.68 2.57 -23.12
N ILE C 77 6.98 2.86 -23.10
CA ILE C 77 7.54 4.12 -22.62
C ILE C 77 7.80 5.00 -23.87
N VAL C 78 7.17 6.17 -23.91
CA VAL C 78 7.35 7.10 -25.01
C VAL C 78 8.05 8.36 -24.53
N VAL C 79 9.18 8.64 -25.16
CA VAL C 79 9.91 9.87 -24.93
C VAL C 79 10.11 10.52 -26.28
N GLY C 80 9.54 11.69 -26.45
CA GLY C 80 9.63 12.34 -27.76
C GLY C 80 8.93 11.46 -28.77
N SER C 81 9.61 11.15 -29.88
CA SER C 81 9.04 10.29 -30.92
C SER C 81 9.61 8.85 -30.81
N ASP C 82 10.23 8.52 -29.67
CA ASP C 82 10.85 7.20 -29.48
C ASP C 82 10.01 6.38 -28.51
N THR C 83 9.70 5.17 -28.91
CA THR C 83 8.89 4.24 -28.13
C THR C 83 9.74 3.04 -27.80
N SER C 84 9.72 2.67 -26.52
CA SER C 84 10.38 1.48 -26.02
C SER C 84 9.36 0.59 -25.33
N THR C 85 9.31 -0.66 -25.72
CA THR C 85 8.34 -1.59 -25.16
C THR C 85 8.98 -2.35 -24.03
N VAL C 86 8.33 -2.35 -22.88
CA VAL C 86 8.86 -3.02 -21.72
C VAL C 86 8.66 -4.52 -21.81
N ILE C 87 9.78 -5.26 -21.78
CA ILE C 87 9.80 -6.72 -21.77
C ILE C 87 9.77 -7.22 -20.33
N TYR C 88 10.49 -6.49 -19.46
CA TYR C 88 10.55 -6.85 -18.02
C TYR C 88 10.92 -5.59 -17.22
N THR C 89 10.22 -5.38 -16.12
CA THR C 89 10.64 -4.39 -15.15
C THR C 89 10.30 -4.82 -13.75
N ASP C 90 11.16 -4.49 -12.78
CA ASP C 90 10.81 -4.68 -11.39
C ASP C 90 10.43 -3.40 -10.70
N GLY C 91 10.52 -2.28 -11.41
CA GLY C 91 10.24 -1.00 -10.78
C GLY C 91 11.20 -0.58 -9.69
N LYS C 92 12.38 -1.21 -9.66
CA LYS C 92 13.26 -1.05 -8.50
C LYS C 92 14.74 -1.06 -8.85
N THR C 93 15.15 -1.99 -9.73
CA THR C 93 16.58 -2.17 -9.98
C THR C 93 16.99 -2.21 -11.44
N CYS C 94 16.03 -2.57 -12.33
CA CYS C 94 16.42 -2.76 -13.72
C CYS C 94 15.19 -2.93 -14.63
N ASP C 95 15.44 -2.83 -15.93
CA ASP C 95 14.44 -3.03 -16.96
C ASP C 95 15.10 -3.68 -18.16
N VAL C 96 14.26 -4.37 -18.94
CA VAL C 96 14.59 -4.86 -20.27
C VAL C 96 13.54 -4.24 -21.19
N VAL C 97 13.98 -3.54 -22.22
CA VAL C 97 13.06 -2.93 -23.17
C VAL C 97 13.52 -3.21 -24.60
N LYS C 98 12.58 -3.11 -25.52
CA LYS C 98 12.90 -3.11 -26.95
C LYS C 98 12.64 -1.74 -27.54
N HIS C 99 13.67 -1.18 -28.15
CA HIS C 99 13.55 0.13 -28.74
C HIS C 99 13.87 -0.04 -30.17
N GLY C 100 12.79 0.13 -30.95
CA GLY C 100 12.52 -0.47 -32.22
C GLY C 100 12.89 -1.92 -32.18
N GLY C 101 14.01 -2.15 -32.87
CA GLY C 101 14.47 -3.48 -33.13
C GLY C 101 15.52 -3.92 -32.15
N HIS C 102 16.04 -3.02 -31.35
CA HIS C 102 17.13 -3.31 -30.41
C HIS C 102 16.62 -3.73 -29.03
N THR C 103 17.38 -4.59 -28.39
CA THR C 103 17.12 -5.00 -27.01
C THR C 103 18.10 -4.30 -26.07
N GLU C 104 17.55 -3.74 -24.99
CA GLU C 104 18.34 -2.93 -24.04
C GLU C 104 18.11 -3.41 -22.60
N LEU C 105 19.19 -3.47 -21.83
CA LEU C 105 19.16 -3.73 -20.38
C LEU C 105 19.54 -2.44 -19.68
N TRP C 106 18.62 -1.96 -18.86
CA TRP C 106 18.86 -0.73 -18.07
C TRP C 106 18.98 -1.14 -16.60
N VAL C 107 19.88 -0.47 -15.89
CA VAL C 107 20.07 -0.75 -14.47
CA VAL C 107 20.10 -0.75 -14.48
C VAL C 107 20.01 0.53 -13.66
N HIS C 108 19.35 0.45 -12.53
CA HIS C 108 19.22 1.60 -11.64
C HIS C 108 20.60 1.99 -11.11
N SER C 109 20.74 3.28 -10.82
CA SER C 109 21.99 3.82 -10.34
C SER C 109 22.48 3.22 -9.03
N SER C 110 21.58 2.63 -8.25
CA SER C 110 21.94 1.94 -7.01
C SER C 110 22.56 0.53 -7.25
N LYS C 111 22.51 0.05 -8.50
CA LYS C 111 22.92 -1.32 -8.81
C LYS C 111 23.88 -1.45 -9.99
N THR C 112 24.66 -0.39 -10.24
CA THR C 112 25.66 -0.30 -11.31
C THR C 112 26.79 -1.32 -11.16
N SER C 113 26.96 -1.86 -9.94
CA SER C 113 27.98 -2.88 -9.69
CA SER C 113 27.97 -2.88 -9.70
C SER C 113 27.40 -4.30 -9.64
N GLY C 114 26.13 -4.47 -10.02
CA GLY C 114 25.53 -5.77 -10.01
C GLY C 114 24.58 -5.92 -8.85
N GLY C 115 23.88 -7.04 -8.81
CA GLY C 115 22.95 -7.33 -7.75
C GLY C 115 21.54 -6.80 -7.96
N TYR C 116 21.17 -6.70 -9.22
CA TYR C 116 19.79 -6.33 -9.59
C TYR C 116 18.99 -7.62 -9.80
N ASN C 117 17.72 -7.50 -10.17
CA ASN C 117 16.84 -8.63 -10.32
C ASN C 117 17.29 -9.56 -11.43
N ASN C 118 17.43 -10.85 -11.14
CA ASN C 118 17.91 -11.79 -12.15
C ASN C 118 17.05 -11.85 -13.42
N CYS C 119 15.76 -11.59 -13.22
CA CYS C 119 14.84 -11.55 -14.39
C CYS C 119 15.29 -10.62 -15.47
N CYS C 120 16.02 -9.56 -15.08
CA CYS C 120 16.54 -8.65 -16.11
C CYS C 120 17.60 -9.33 -17.01
N ASP C 121 18.52 -10.05 -16.39
CA ASP C 121 19.47 -10.83 -17.20
C ASP C 121 18.80 -11.90 -18.03
N LYS C 122 17.86 -12.60 -17.42
CA LYS C 122 17.14 -13.70 -18.10
C LYS C 122 16.43 -13.12 -19.33
N LYS C 123 15.67 -12.05 -19.14
CA LYS C 123 14.85 -11.53 -20.25
C LYS C 123 15.69 -10.79 -21.27
N PHE C 124 16.79 -10.16 -20.85
CA PHE C 124 17.68 -9.52 -21.82
C PHE C 124 18.27 -10.60 -22.73
N THR C 125 18.79 -11.67 -22.13
CA THR C 125 19.41 -12.75 -22.88
C THR C 125 18.39 -13.37 -23.83
N GLU C 126 17.19 -13.66 -23.34
CA GLU C 126 16.15 -14.26 -24.17
CA GLU C 126 16.17 -14.27 -24.19
C GLU C 126 15.78 -13.35 -25.32
N THR C 127 15.61 -12.07 -25.01
CA THR C 127 15.07 -11.17 -26.02
C THR C 127 16.11 -10.86 -27.10
N ARG C 128 17.35 -10.60 -26.71
CA ARG C 128 18.35 -10.29 -27.73
C ARG C 128 18.63 -11.51 -28.59
N GLY C 129 18.47 -12.71 -28.00
CA GLY C 129 18.77 -13.94 -28.72
C GLY C 129 20.17 -13.96 -29.26
N SER C 130 20.27 -14.28 -30.54
CA SER C 130 21.57 -14.44 -31.20
C SER C 130 22.26 -13.09 -31.50
N THR C 131 21.58 -11.96 -31.30
CA THR C 131 22.23 -10.65 -31.57
C THR C 131 23.18 -10.33 -30.41
N PRO C 132 24.48 -10.08 -30.66
CA PRO C 132 25.43 -9.82 -29.57
C PRO C 132 25.07 -8.60 -28.74
N ALA C 133 25.43 -8.65 -27.46
CA ALA C 133 25.30 -7.54 -26.53
C ALA C 133 26.57 -6.70 -26.53
N ASN C 134 26.36 -5.40 -26.46
CA ASN C 134 27.46 -4.43 -26.37
C ASN C 134 27.38 -3.68 -25.05
N GLU C 135 28.49 -3.58 -24.32
CA GLU C 135 28.50 -2.89 -23.03
CA GLU C 135 28.58 -2.91 -23.04
C GLU C 135 28.53 -1.40 -23.25
N VAL C 136 27.71 -0.69 -22.49
CA VAL C 136 27.61 0.76 -22.57
C VAL C 136 28.02 1.52 -21.32
N TYR C 137 27.71 1.01 -20.15
CA TYR C 137 28.12 1.65 -18.90
C TYR C 137 29.59 1.33 -18.67
N LYS C 138 30.44 2.35 -18.91
CA LYS C 138 31.91 2.28 -18.83
CA LYS C 138 31.90 2.28 -18.79
C LYS C 138 32.47 3.65 -18.38
N LYS C 139 33.07 3.69 -17.21
CA LYS C 139 33.79 4.84 -16.67
C LYS C 139 32.84 6.02 -16.64
N CYS C 140 31.72 5.85 -15.93
CA CYS C 140 30.67 6.85 -15.86
C CYS C 140 30.69 7.73 -14.64
N PRO C 141 30.40 9.00 -14.85
CA PRO C 141 30.14 9.91 -13.76
C PRO C 141 28.90 9.46 -12.97
N GLY C 142 28.68 10.02 -11.80
CA GLY C 142 27.45 9.84 -11.10
C GLY C 142 26.21 10.40 -11.80
N MET C 143 25.03 9.98 -11.35
CA MET C 143 23.77 10.37 -11.91
C MET C 143 23.54 11.86 -11.69
N PRO C 144 23.14 12.59 -12.73
CA PRO C 144 22.79 13.99 -12.50
C PRO C 144 21.61 14.18 -11.56
N HSM D . -4.10 14.03 5.28
CA HSM D . -4.97 15.22 5.46
CB HSM D . -6.12 15.19 4.47
CG HSM D . -7.03 16.40 4.58
ND1 HSM D . -6.63 17.67 4.35
CD2 HSM D . -8.31 16.44 4.93
CE1 HSM D . -7.67 18.45 4.51
NE2 HSM D . -8.74 17.73 4.90
N HSM E . -9.63 22.52 6.26
CA HSM E . -9.21 22.15 4.94
CB HSM E . -10.45 22.02 4.07
CG HSM E . -10.07 21.67 2.62
ND1 HSM E . -9.57 22.57 1.73
CD2 HSM E . -10.20 20.48 1.98
CE1 HSM E . -9.41 21.91 0.55
NE2 HSM E . -9.80 20.63 0.70
N HSM F . -15.72 22.81 0.74
CA HSM F . -14.32 23.01 0.26
CB HSM F . -13.32 22.47 1.31
CG HSM F . -13.61 21.01 1.61
ND1 HSM F . -13.69 20.07 0.68
CD2 HSM F . -13.85 20.44 2.81
CE1 HSM F . -13.98 18.92 1.31
NE2 HSM F . -14.06 19.13 2.61
N HSM G . -4.42 -15.79 12.55
CA HSM G . -5.45 -16.87 12.62
CB HSM G . -6.23 -16.76 13.93
CG HSM G . -7.24 -17.89 14.10
ND1 HSM G . -6.92 -19.19 14.17
CD2 HSM G . -8.56 -17.77 14.25
CE1 HSM G . -8.06 -19.89 14.33
NE2 HSM G . -9.08 -19.04 14.39
N HSM H . -10.79 -23.45 13.43
CA HSM H . -9.96 -23.13 14.56
CB HSM H . -10.88 -23.18 15.78
CG HSM H . -10.02 -22.88 17.00
ND1 HSM H . -9.50 -23.85 17.78
CD2 HSM H . -9.70 -21.69 17.53
CE1 HSM H . -8.83 -23.25 18.75
NE2 HSM H . -8.96 -21.95 18.62
N HSM I . -14.32 -23.45 20.91
CA HSM I . -12.89 -23.81 20.81
CB HSM I . -12.23 -23.12 19.62
CG HSM I . -12.74 -21.69 19.43
ND1 HSM I . -12.87 -20.76 20.38
CD2 HSM I . -13.13 -21.14 18.27
CE1 HSM I . -13.33 -19.65 19.81
NE2 HSM I . -13.48 -19.89 18.51
N HSM J . 13.41 2.60 -15.74
CA HSM J . 13.13 2.91 -17.17
CB HSM J . 14.42 3.12 -17.99
CG HSM J . 14.19 3.49 -19.42
ND1 HSM J . 13.53 4.60 -19.84
CD2 HSM J . 14.60 2.82 -20.52
CE1 HSM J . 13.56 4.62 -21.16
NE2 HSM J . 14.23 3.53 -21.62
N HSM K . 11.47 5.31 -25.35
CA HSM K . 12.50 5.94 -24.55
CB HSM K . 13.69 6.15 -25.45
CG HSM K . 14.73 6.98 -24.76
ND1 HSM K . 14.75 8.31 -24.79
CD2 HSM K . 15.77 6.61 -24.01
CE1 HSM K . 15.80 8.75 -24.09
NE2 HSM K . 16.46 7.72 -23.60
N HSM L . 18.55 6.88 -29.62
CA HSM L . 18.07 7.86 -28.59
CB HSM L . 16.96 7.28 -27.68
CG HSM L . 17.54 6.06 -27.00
ND1 HSM L . 18.72 6.02 -26.41
CD2 HSM L . 17.01 4.84 -26.91
CE1 HSM L . 18.93 4.78 -25.95
NE2 HSM L . 17.86 4.05 -26.24
#